data_7WLP
#
_entry.id   7WLP
#
_cell.length_a   88.270
_cell.length_b   88.270
_cell.length_c   105.626
_cell.angle_alpha   90.000
_cell.angle_beta   90.000
_cell.angle_gamma   120.000
#
_symmetry.space_group_name_H-M   'P 63 2 2'
#
loop_
_entity.id
_entity.type
_entity.pdbx_description
1 polymer 'Histone H2B type 1-O,Histone H2A type 1-D'
2 polymer 'Tegument protein BKRF4'
3 water water
#
loop_
_entity_poly.entity_id
_entity_poly.type
_entity_poly.pdbx_seq_one_letter_code
_entity_poly.pdbx_strand_id
1 'polypeptide(L)'
;MRKESYSIYVYKVLKQVHPDTGISSKAMGIMNSFVNDIFERIAGEASRLAHYNKRSTITSREIQTAVRLLLPGELAKHAV
SEGTKAVTKYTSSKKAKTRSSRAGLQFPVGRVHRLLRKGNYSERVGAGAPVYLAAVLEYLTAEILELAGNAARDNKKTRI
IPRHLQLAIRNDEELNKLLGKVTIAQGGVLPNI
;
A
2 'polypeptide(L)'
;MRRLLSDEEEETSQSSSYTLGSQASQSIQEEDVSDTDESDYSDEDEEIDLEEEYPSDEDPSEGSDSDPSWHPSDSDESDY
SESDEDEA
;
B,D,C
#
# COMPACT_ATOMS: atom_id res chain seq x y z
N LYS A 3 1.75 4.05 13.31
CA LYS A 3 0.98 2.77 13.46
C LYS A 3 -0.50 3.08 13.25
N GLU A 4 -0.89 3.50 12.04
CA GLU A 4 -2.31 3.58 11.58
C GLU A 4 -2.85 2.16 11.31
N SER A 5 -4.12 1.91 11.68
CA SER A 5 -4.85 0.66 11.33
C SER A 5 -5.45 0.80 9.93
N TYR A 6 -4.99 -0.03 8.99
CA TYR A 6 -5.50 -0.12 7.59
C TYR A 6 -6.41 -1.36 7.42
N SER A 7 -6.67 -2.11 8.51
CA SER A 7 -7.35 -3.44 8.50
C SER A 7 -8.56 -3.40 7.57
N ILE A 8 -9.44 -2.40 7.71
CA ILE A 8 -10.74 -2.40 7.00
C ILE A 8 -10.47 -2.32 5.50
N TYR A 9 -9.42 -1.61 5.11
CA TYR A 9 -9.07 -1.39 3.68
C TYR A 9 -8.41 -2.66 3.13
N VAL A 10 -7.57 -3.30 3.94
CA VAL A 10 -6.94 -4.60 3.60
C VAL A 10 -8.03 -5.62 3.34
N TYR A 11 -9.03 -5.70 4.21
CA TYR A 11 -10.16 -6.66 4.10
C TYR A 11 -10.95 -6.40 2.83
N LYS A 12 -11.20 -5.14 2.51
CA LYS A 12 -11.91 -4.78 1.26
C LYS A 12 -11.11 -5.28 0.06
N VAL A 13 -9.80 -5.07 0.04
CA VAL A 13 -8.95 -5.49 -1.10
C VAL A 13 -8.95 -7.02 -1.15
N LEU A 14 -8.85 -7.70 0.00
CA LEU A 14 -8.93 -9.18 0.07
C LEU A 14 -10.24 -9.68 -0.53
N LYS A 15 -11.37 -9.02 -0.26
CA LYS A 15 -12.68 -9.43 -0.88
C LYS A 15 -12.62 -9.24 -2.40
N GLN A 16 -12.04 -8.15 -2.89
CA GLN A 16 -11.84 -7.93 -4.34
C GLN A 16 -11.06 -9.11 -4.93
N VAL A 17 -9.94 -9.53 -4.36
CA VAL A 17 -9.00 -10.46 -5.07
C VAL A 17 -9.29 -11.92 -4.70
N HIS A 18 -9.78 -12.23 -3.50
CA HIS A 18 -10.16 -13.61 -3.10
C HIS A 18 -11.48 -13.57 -2.35
N PRO A 19 -12.62 -13.43 -3.09
CA PRO A 19 -13.92 -13.16 -2.47
C PRO A 19 -14.25 -14.17 -1.37
N ASP A 20 -13.88 -15.44 -1.53
CA ASP A 20 -14.27 -16.54 -0.61
C ASP A 20 -13.18 -16.87 0.40
N THR A 21 -12.14 -16.06 0.49
CA THR A 21 -11.02 -16.33 1.42
C THR A 21 -11.10 -15.36 2.58
N GLY A 22 -10.83 -15.84 3.79
CA GLY A 22 -10.71 -15.05 5.02
C GLY A 22 -9.26 -14.72 5.34
N ILE A 23 -9.06 -14.03 6.44
CA ILE A 23 -7.69 -13.76 6.98
C ILE A 23 -7.78 -13.79 8.50
N SER A 24 -6.73 -14.31 9.14
CA SER A 24 -6.64 -14.44 10.60
C SER A 24 -6.18 -13.09 11.18
N SER A 25 -6.53 -12.81 12.43
CA SER A 25 -6.15 -11.58 13.16
C SER A 25 -4.63 -11.43 13.20
N LYS A 26 -3.86 -12.50 13.38
CA LYS A 26 -2.38 -12.37 13.35
C LYS A 26 -1.94 -11.99 11.92
N ALA A 27 -2.62 -12.51 10.90
CA ALA A 27 -2.27 -12.23 9.51
C ALA A 27 -2.56 -10.77 9.24
N MET A 28 -3.72 -10.31 9.71
CA MET A 28 -4.19 -8.90 9.50
C MET A 28 -3.21 -7.92 10.15
N GLY A 29 -2.67 -8.29 11.32
CA GLY A 29 -1.63 -7.50 11.99
C GLY A 29 -0.39 -7.39 11.15
N ILE A 30 0.08 -8.51 10.60
CA ILE A 30 1.31 -8.46 9.77
C ILE A 30 1.04 -7.57 8.55
N MET A 31 -0.13 -7.69 7.95
CA MET A 31 -0.49 -6.89 6.78
C MET A 31 -0.41 -5.38 7.12
N ASN A 32 -0.93 -4.98 8.28
CA ASN A 32 -0.94 -3.56 8.73
C ASN A 32 0.49 -3.09 8.97
N SER A 33 1.25 -3.91 9.66
CA SER A 33 2.68 -3.66 9.86
C SER A 33 3.31 -3.45 8.49
N PHE A 34 2.92 -4.25 7.49
CA PHE A 34 3.54 -4.17 6.15
C PHE A 34 3.14 -2.86 5.44
N VAL A 35 1.88 -2.47 5.51
CA VAL A 35 1.42 -1.21 4.85
C VAL A 35 2.10 -0.01 5.51
N ASN A 36 2.23 -0.01 6.84
CA ASN A 36 2.95 1.05 7.61
C ASN A 36 4.41 1.13 7.16
N ASP A 37 5.15 0.04 7.19
CA ASP A 37 6.56 0.05 6.77
C ASP A 37 6.65 0.64 5.36
N ILE A 38 5.76 0.25 4.45
CA ILE A 38 5.86 0.66 3.03
C ILE A 38 5.57 2.15 2.96
N PHE A 39 4.48 2.59 3.61
CA PHE A 39 4.10 4.02 3.63
C PHE A 39 5.28 4.87 4.07
N GLU A 40 5.92 4.50 5.19
CA GLU A 40 7.04 5.26 5.81
C GLU A 40 8.24 5.31 4.87
N ARG A 41 8.63 4.18 4.32
CA ARG A 41 9.80 4.12 3.43
C ARG A 41 9.55 5.02 2.22
N ILE A 42 8.39 4.95 1.60
CA ILE A 42 8.11 5.77 0.40
C ILE A 42 7.99 7.24 0.81
N ALA A 43 7.26 7.52 1.89
CA ALA A 43 7.08 8.90 2.40
C ALA A 43 8.45 9.50 2.75
N GLY A 44 9.27 8.79 3.55
CA GLY A 44 10.64 9.21 3.89
C GLY A 44 11.44 9.57 2.66
N GLU A 45 11.46 8.69 1.67
CA GLU A 45 12.33 8.93 0.48
C GLU A 45 11.84 10.13 -0.31
N ALA A 46 10.52 10.27 -0.45
CA ALA A 46 9.97 11.37 -1.26
C ALA A 46 10.35 12.71 -0.60
N SER A 47 10.24 12.78 0.71
CA SER A 47 10.59 14.02 1.44
C SER A 47 12.05 14.35 1.16
N ARG A 48 12.93 13.36 1.31
CA ARG A 48 14.37 13.60 1.11
C ARG A 48 14.59 14.11 -0.30
N LEU A 49 13.91 13.52 -1.28
CA LEU A 49 14.10 13.92 -2.69
C LEU A 49 13.76 15.40 -2.84
N ALA A 50 12.64 15.82 -2.26
CA ALA A 50 12.19 17.23 -2.37
C ALA A 50 13.22 18.15 -1.71
N HIS A 51 13.68 17.79 -0.52
CA HIS A 51 14.65 18.62 0.22
C HIS A 51 15.97 18.69 -0.53
N TYR A 52 16.45 17.55 -1.02
CA TYR A 52 17.74 17.50 -1.75
C TYR A 52 17.68 18.46 -2.95
N ASN A 53 16.58 18.40 -3.70
CA ASN A 53 16.42 19.28 -4.89
C ASN A 53 15.70 20.57 -4.44
N LYS A 54 15.71 20.84 -3.13
CA LYS A 54 15.26 22.11 -2.49
C LYS A 54 13.92 22.57 -3.10
N ARG A 55 12.97 21.65 -3.20
CA ARG A 55 11.55 21.95 -3.47
C ARG A 55 10.88 22.17 -2.11
N SER A 56 9.78 22.91 -2.05
CA SER A 56 9.04 23.19 -0.79
C SER A 56 7.74 22.37 -0.78
N THR A 57 7.60 21.42 -1.70
CA THR A 57 6.37 20.61 -1.86
C THR A 57 6.73 19.15 -2.27
N ILE A 58 5.98 18.20 -1.74
CA ILE A 58 6.00 16.78 -2.20
C ILE A 58 4.82 16.56 -3.17
N THR A 59 5.14 16.34 -4.44
CA THR A 59 4.17 15.97 -5.48
C THR A 59 4.32 14.48 -5.81
N SER A 60 3.39 14.03 -6.63
CA SER A 60 3.33 12.67 -7.17
C SER A 60 4.64 12.39 -7.92
N ARG A 61 5.34 13.41 -8.43
CA ARG A 61 6.66 13.20 -9.06
C ARG A 61 7.62 12.58 -8.06
N GLU A 62 7.63 13.05 -6.82
CA GLU A 62 8.62 12.57 -5.84
C GLU A 62 8.16 11.19 -5.33
N ILE A 63 6.83 10.93 -5.31
CA ILE A 63 6.28 9.61 -4.91
C ILE A 63 6.74 8.65 -6.01
N GLN A 64 6.62 9.08 -7.26
CA GLN A 64 6.93 8.26 -8.46
C GLN A 64 8.40 7.86 -8.43
N THR A 65 9.28 8.82 -8.28
CA THR A 65 10.73 8.54 -8.14
C THR A 65 10.94 7.61 -6.94
N ALA A 66 10.36 7.89 -5.80
CA ALA A 66 10.62 7.05 -4.60
C ALA A 66 10.19 5.61 -4.89
N VAL A 67 9.05 5.46 -5.57
CA VAL A 67 8.48 4.14 -5.88
C VAL A 67 9.45 3.40 -6.80
N ARG A 68 10.01 4.10 -7.78
CA ARG A 68 10.94 3.49 -8.76
C ARG A 68 12.24 3.11 -8.05
N LEU A 69 12.61 3.81 -6.99
CA LEU A 69 13.88 3.51 -6.25
C LEU A 69 13.67 2.33 -5.32
N LEU A 70 12.50 2.21 -4.71
CA LEU A 70 12.32 1.25 -3.61
C LEU A 70 11.79 -0.07 -4.12
N LEU A 71 10.92 -0.04 -5.14
CA LEU A 71 10.23 -1.28 -5.56
C LEU A 71 10.98 -2.04 -6.64
N PRO A 72 10.97 -3.39 -6.61
CA PRO A 72 11.58 -4.17 -7.69
C PRO A 72 10.86 -3.92 -9.01
N GLY A 73 11.54 -4.11 -10.14
CA GLY A 73 11.00 -3.76 -11.48
C GLY A 73 9.57 -3.97 -11.93
N GLU A 74 9.05 -5.19 -11.83
CA GLU A 74 7.64 -5.43 -12.21
C GLU A 74 6.69 -4.74 -11.23
N LEU A 75 7.01 -4.80 -9.94
CA LEU A 75 6.16 -4.10 -8.93
C LEU A 75 6.21 -2.60 -9.21
N ALA A 76 7.38 -2.08 -9.56
CA ALA A 76 7.55 -0.63 -9.81
C ALA A 76 6.73 -0.22 -11.03
N LYS A 77 6.79 -0.97 -12.12
CA LYS A 77 6.03 -0.71 -13.34
C LYS A 77 4.51 -0.71 -13.05
N HIS A 78 4.02 -1.72 -12.36
CA HIS A 78 2.56 -1.83 -12.07
C HIS A 78 2.16 -0.70 -11.10
N ALA A 79 3.05 -0.38 -10.17
CA ALA A 79 2.83 0.68 -9.18
C ALA A 79 2.75 2.03 -9.89
N VAL A 80 3.63 2.28 -10.82
CA VAL A 80 3.65 3.56 -11.59
C VAL A 80 2.35 3.64 -12.39
N SER A 81 1.94 2.53 -13.00
CA SER A 81 0.70 2.43 -13.81
C SER A 81 -0.50 2.74 -12.92
N GLU A 82 -0.51 2.20 -11.71
CA GLU A 82 -1.66 2.33 -10.78
C GLU A 82 -1.65 3.73 -10.16
N GLY A 83 -0.46 4.28 -9.85
CA GLY A 83 -0.28 5.66 -9.37
C GLY A 83 -0.84 6.70 -10.34
N THR A 84 -0.40 6.64 -11.59
CA THR A 84 -0.79 7.59 -12.68
C THR A 84 -2.28 7.44 -12.98
N LYS A 85 -2.81 6.23 -12.95
CA LYS A 85 -4.24 6.03 -13.24
C LYS A 85 -5.05 6.69 -12.12
N ALA A 86 -4.75 6.42 -10.87
CA ALA A 86 -5.49 6.99 -9.73
C ALA A 86 -5.42 8.53 -9.77
N VAL A 87 -4.23 9.10 -10.06
CA VAL A 87 -4.05 10.58 -10.04
C VAL A 87 -4.89 11.19 -11.15
N THR A 88 -4.88 10.56 -12.33
CA THR A 88 -5.63 11.00 -13.52
C THR A 88 -7.15 10.91 -13.29
N LYS A 89 -7.64 9.79 -12.76
CA LYS A 89 -9.07 9.64 -12.41
C LYS A 89 -9.45 10.79 -11.47
N TYR A 90 -8.68 10.97 -10.41
CA TYR A 90 -9.01 12.00 -9.41
C TYR A 90 -9.03 13.39 -10.05
N THR A 91 -8.09 13.65 -10.95
CA THR A 91 -7.99 15.00 -11.57
C THR A 91 -9.24 15.33 -12.39
N SER A 92 -9.83 14.36 -13.06
CA SER A 92 -11.02 14.59 -13.91
C SER A 92 -12.27 14.04 -13.21
N SER A 93 -12.15 13.70 -11.92
CA SER A 93 -13.27 13.03 -11.21
C SER A 93 -14.51 13.91 -11.10
N LYS A 94 -15.65 13.30 -10.77
CA LYS A 94 -16.93 14.03 -10.66
C LYS A 94 -17.08 14.59 -9.25
N LYS A 95 -16.07 14.37 -8.41
CA LYS A 95 -16.14 14.89 -7.03
C LYS A 95 -17.41 14.35 -6.35
N ALA A 96 -18.00 15.15 -5.47
CA ALA A 96 -19.22 14.75 -4.75
C ALA A 96 -19.01 13.35 -4.15
N LYS A 97 -17.79 13.06 -3.71
CA LYS A 97 -17.51 11.76 -3.07
C LYS A 97 -16.14 11.82 -2.41
N THR A 98 -15.83 10.85 -1.56
CA THR A 98 -14.48 10.79 -0.96
C THR A 98 -13.44 10.97 -2.07
N ARG A 99 -12.28 11.51 -1.74
CA ARG A 99 -11.20 11.64 -2.75
C ARG A 99 -10.81 10.24 -3.23
N SER A 100 -10.95 9.24 -2.37
CA SER A 100 -10.66 7.84 -2.73
C SER A 100 -11.65 7.39 -3.80
N SER A 101 -12.93 7.62 -3.56
CA SER A 101 -13.98 7.28 -4.56
C SER A 101 -13.69 8.00 -5.88
N ARG A 102 -13.20 9.23 -5.84
CA ARG A 102 -12.85 9.94 -7.11
C ARG A 102 -11.64 9.26 -7.77
N ALA A 103 -10.70 8.77 -6.97
CA ALA A 103 -9.49 8.11 -7.48
C ALA A 103 -9.76 6.64 -7.84
N GLY A 104 -10.97 6.15 -7.57
CA GLY A 104 -11.38 4.74 -7.79
C GLY A 104 -10.61 3.76 -6.92
N LEU A 105 -10.33 4.12 -5.66
CA LEU A 105 -9.53 3.32 -4.69
C LEU A 105 -10.38 2.98 -3.47
N GLN A 106 -9.95 1.95 -2.78
CA GLN A 106 -10.46 1.53 -1.46
C GLN A 106 -9.64 2.22 -0.37
N PHE A 107 -8.36 2.48 -0.61
CA PHE A 107 -7.45 2.98 0.46
C PHE A 107 -7.74 4.46 0.70
N PRO A 108 -7.55 4.97 1.95
CA PRO A 108 -8.00 6.30 2.34
C PRO A 108 -7.02 7.42 1.94
N VAL A 109 -7.42 8.28 1.00
CA VAL A 109 -6.50 9.36 0.52
C VAL A 109 -6.27 10.37 1.66
N GLY A 110 -7.31 10.73 2.40
CA GLY A 110 -7.24 11.75 3.47
C GLY A 110 -6.16 11.41 4.46
N ARG A 111 -6.19 10.20 5.00
CA ARG A 111 -5.26 9.80 6.08
C ARG A 111 -3.83 9.78 5.54
N VAL A 112 -3.65 9.44 4.26
CA VAL A 112 -2.31 9.42 3.62
C VAL A 112 -1.83 10.88 3.46
N HIS A 113 -2.72 11.78 3.07
CA HIS A 113 -2.48 13.25 3.11
C HIS A 113 -1.98 13.63 4.52
N ARG A 114 -2.75 13.27 5.55
CA ARG A 114 -2.49 13.68 6.96
C ARG A 114 -1.11 13.17 7.33
N LEU A 115 -0.76 11.95 6.97
CA LEU A 115 0.49 11.34 7.47
C LEU A 115 1.69 11.83 6.66
N LEU A 116 1.48 12.37 5.46
CA LEU A 116 2.54 13.00 4.64
C LEU A 116 2.92 14.38 5.20
N ARG A 117 1.96 15.11 5.81
CA ARG A 117 2.23 16.48 6.34
C ARG A 117 2.76 16.38 7.77
N LYS A 118 2.12 15.60 8.63
CA LYS A 118 2.51 15.51 10.07
C LYS A 118 4.02 15.46 10.24
N GLY A 119 4.60 16.45 10.94
CA GLY A 119 6.04 16.45 11.24
C GLY A 119 6.91 17.04 10.16
N ASN A 120 6.33 17.46 9.03
CA ASN A 120 7.18 17.93 7.91
C ASN A 120 7.75 19.31 8.24
N TYR A 121 6.92 20.33 8.23
CA TYR A 121 7.34 21.73 8.55
C TYR A 121 8.26 22.34 7.47
N SER A 122 8.80 21.55 6.54
CA SER A 122 9.65 22.05 5.44
C SER A 122 8.97 21.84 4.08
N GLU A 123 7.88 21.06 4.00
CA GLU A 123 7.18 20.86 2.71
C GLU A 123 5.67 20.85 2.86
N ARG A 124 5.02 21.33 1.79
CA ARG A 124 3.58 21.16 1.57
C ARG A 124 3.35 19.86 0.79
N VAL A 125 2.14 19.34 0.89
CA VAL A 125 1.81 18.07 0.21
C VAL A 125 0.83 18.37 -0.91
N GLY A 126 1.19 18.03 -2.14
CA GLY A 126 0.28 18.22 -3.29
C GLY A 126 -0.94 17.34 -3.17
N ALA A 127 -1.91 17.55 -4.05
CA ALA A 127 -3.15 16.74 -4.01
C ALA A 127 -2.87 15.36 -4.60
N GLY A 128 -2.09 15.31 -5.68
CA GLY A 128 -1.79 14.03 -6.34
C GLY A 128 -0.92 13.15 -5.48
N ALA A 129 -0.03 13.73 -4.70
CA ALA A 129 0.92 12.89 -3.95
C ALA A 129 0.20 11.84 -3.10
N PRO A 130 -0.80 12.17 -2.26
CA PRO A 130 -1.43 11.13 -1.46
C PRO A 130 -2.31 10.14 -2.25
N VAL A 131 -2.85 10.57 -3.40
CA VAL A 131 -3.64 9.67 -4.29
C VAL A 131 -2.67 8.64 -4.87
N TYR A 132 -1.56 9.11 -5.40
CA TYR A 132 -0.56 8.23 -6.01
C TYR A 132 -0.14 7.21 -4.96
N LEU A 133 0.14 7.68 -3.74
CA LEU A 133 0.72 6.77 -2.73
C LEU A 133 -0.33 5.76 -2.21
N ALA A 134 -1.59 6.17 -2.05
CA ALA A 134 -2.69 5.25 -1.65
C ALA A 134 -2.86 4.16 -2.72
N ALA A 135 -2.85 4.54 -4.00
CA ALA A 135 -2.94 3.61 -5.14
C ALA A 135 -1.82 2.56 -5.04
N VAL A 136 -0.61 2.98 -4.71
CA VAL A 136 0.57 2.10 -4.64
C VAL A 136 0.40 1.18 -3.45
N LEU A 137 0.00 1.69 -2.30
CA LEU A 137 -0.28 0.86 -1.09
C LEU A 137 -1.36 -0.17 -1.42
N GLU A 138 -2.39 0.21 -2.18
CA GLU A 138 -3.51 -0.67 -2.55
C GLU A 138 -2.98 -1.76 -3.49
N TYR A 139 -2.20 -1.37 -4.49
CA TYR A 139 -1.64 -2.33 -5.45
C TYR A 139 -0.79 -3.38 -4.71
N LEU A 140 0.11 -2.96 -3.83
CA LEU A 140 1.04 -3.89 -3.15
C LEU A 140 0.26 -4.77 -2.17
N THR A 141 -0.77 -4.27 -1.53
CA THR A 141 -1.69 -5.08 -0.69
C THR A 141 -2.34 -6.18 -1.54
N ALA A 142 -2.96 -5.82 -2.68
CA ALA A 142 -3.61 -6.75 -3.63
C ALA A 142 -2.62 -7.83 -4.07
N GLU A 143 -1.37 -7.45 -4.32
CA GLU A 143 -0.34 -8.41 -4.77
C GLU A 143 -0.08 -9.43 -3.66
N ILE A 144 0.14 -8.95 -2.45
CA ILE A 144 0.48 -9.82 -1.30
C ILE A 144 -0.72 -10.74 -1.04
N LEU A 145 -1.93 -10.21 -1.03
CA LEU A 145 -3.12 -11.00 -0.66
C LEU A 145 -3.40 -12.03 -1.74
N GLU A 146 -3.17 -11.69 -3.01
CA GLU A 146 -3.34 -12.63 -4.13
C GLU A 146 -2.45 -13.86 -3.91
N LEU A 147 -1.16 -13.65 -3.72
CA LEU A 147 -0.22 -14.75 -3.50
C LEU A 147 -0.51 -15.48 -2.18
N ALA A 148 -0.84 -14.77 -1.10
CA ALA A 148 -1.14 -15.36 0.23
C ALA A 148 -2.36 -16.29 0.14
N GLY A 149 -3.40 -15.84 -0.56
CA GLY A 149 -4.62 -16.63 -0.76
C GLY A 149 -4.35 -17.85 -1.63
N ASN A 150 -3.43 -17.74 -2.60
CA ASN A 150 -3.06 -18.91 -3.44
C ASN A 150 -2.38 -19.93 -2.54
N ALA A 151 -1.60 -19.49 -1.56
CA ALA A 151 -0.89 -20.38 -0.64
C ALA A 151 -1.90 -21.01 0.32
N ALA A 152 -2.90 -20.26 0.77
CA ALA A 152 -3.93 -20.85 1.62
C ALA A 152 -4.65 -21.99 0.89
N ARG A 153 -4.91 -21.82 -0.40
CA ARG A 153 -5.63 -22.85 -1.18
C ARG A 153 -4.76 -24.09 -1.30
N ASP A 154 -3.47 -23.92 -1.58
CA ASP A 154 -2.55 -25.08 -1.68
C ASP A 154 -2.58 -25.85 -0.35
N ASN A 155 -2.76 -25.13 0.76
CA ASN A 155 -2.79 -25.73 2.11
C ASN A 155 -4.23 -26.19 2.42
N LYS A 156 -5.12 -26.13 1.43
CA LYS A 156 -6.53 -26.56 1.55
C LYS A 156 -7.22 -25.74 2.65
N LYS A 157 -6.74 -24.52 2.92
CA LYS A 157 -7.32 -23.66 3.98
C LYS A 157 -8.22 -22.63 3.32
N THR A 158 -9.18 -22.13 4.09
CA THR A 158 -10.21 -21.15 3.64
C THR A 158 -9.87 -19.73 4.09
N ARG A 159 -8.85 -19.53 4.96
CA ARG A 159 -8.40 -18.17 5.34
C ARG A 159 -6.86 -18.05 5.33
N ILE A 160 -6.39 -16.82 5.24
CA ILE A 160 -4.93 -16.54 5.30
C ILE A 160 -4.47 -16.51 6.76
N ILE A 161 -3.39 -17.24 7.04
CA ILE A 161 -2.68 -17.25 8.32
C ILE A 161 -1.26 -16.75 8.07
N PRO A 162 -0.50 -16.46 9.12
CA PRO A 162 0.84 -15.91 8.97
C PRO A 162 1.75 -16.78 8.11
N ARG A 163 1.58 -18.10 8.18
CA ARG A 163 2.45 -19.01 7.39
C ARG A 163 2.27 -18.73 5.89
N HIS A 164 1.04 -18.45 5.47
CA HIS A 164 0.69 -18.16 4.05
C HIS A 164 1.40 -16.89 3.58
N LEU A 165 1.42 -15.82 4.40
CA LEU A 165 2.13 -14.56 4.08
C LEU A 165 3.63 -14.86 3.97
N GLN A 166 4.17 -15.66 4.89
CA GLN A 166 5.60 -16.01 4.89
C GLN A 166 5.93 -16.72 3.56
N LEU A 167 5.12 -17.69 3.18
CA LEU A 167 5.40 -18.57 2.02
C LEU A 167 5.24 -17.75 0.73
N ALA A 168 4.20 -16.91 0.65
CA ALA A 168 3.94 -16.06 -0.54
C ALA A 168 5.12 -15.09 -0.72
N ILE A 169 5.71 -14.62 0.36
CA ILE A 169 6.80 -13.61 0.25
C ILE A 169 8.09 -14.31 -0.15
N ARG A 170 8.41 -15.43 0.48
CA ARG A 170 9.67 -16.17 0.21
C ARG A 170 9.66 -16.72 -1.21
N ASN A 171 8.50 -17.12 -1.73
CA ASN A 171 8.33 -17.84 -3.01
C ASN A 171 8.19 -16.89 -4.20
N ASP A 172 7.92 -15.61 -3.94
CA ASP A 172 7.81 -14.58 -4.99
C ASP A 172 9.10 -13.76 -4.99
N GLU A 173 9.86 -13.82 -6.08
CA GLU A 173 11.16 -13.13 -6.26
C GLU A 173 11.06 -11.64 -5.85
N GLU A 174 10.03 -10.93 -6.30
CA GLU A 174 10.02 -9.47 -6.11
C GLU A 174 9.63 -9.13 -4.67
N LEU A 175 8.62 -9.77 -4.09
CA LEU A 175 8.25 -9.51 -2.68
C LEU A 175 9.44 -9.86 -1.78
N ASN A 176 10.13 -10.95 -2.06
CA ASN A 176 11.26 -11.39 -1.22
C ASN A 176 12.34 -10.29 -1.25
N LYS A 177 12.54 -9.72 -2.42
CA LYS A 177 13.55 -8.66 -2.69
C LYS A 177 13.07 -7.39 -2.01
N LEU A 178 11.77 -7.08 -2.08
CA LEU A 178 11.26 -5.81 -1.49
C LEU A 178 11.42 -5.82 0.03
N LEU A 179 11.26 -6.97 0.68
CA LEU A 179 11.28 -6.99 2.17
C LEU A 179 12.69 -6.66 2.67
N GLY A 180 13.65 -6.56 1.77
CA GLY A 180 15.00 -6.14 2.18
C GLY A 180 15.02 -4.66 2.51
N LYS A 181 14.28 -3.86 1.75
CA LYS A 181 14.36 -2.40 1.96
C LYS A 181 13.30 -1.95 2.97
N VAL A 182 12.32 -2.78 3.29
CA VAL A 182 11.08 -2.23 3.91
C VAL A 182 11.06 -2.54 5.40
N THR A 183 11.48 -3.73 5.82
CA THR A 183 11.52 -4.08 7.26
C THR A 183 12.85 -3.57 7.84
N ILE A 184 13.90 -3.44 7.02
CA ILE A 184 15.27 -2.96 7.41
C ILE A 184 15.70 -3.64 8.72
N SER B 66 -6.81 -20.29 18.59
CA SER B 66 -6.32 -19.08 19.31
C SER B 66 -5.77 -18.03 18.33
N ASP B 67 -6.26 -18.02 17.08
CA ASP B 67 -6.00 -16.95 16.09
C ASP B 67 -7.27 -16.77 15.29
N PRO B 68 -8.29 -16.09 15.83
CA PRO B 68 -9.61 -16.07 15.23
C PRO B 68 -9.58 -15.15 14.00
N SER B 69 -10.51 -15.38 13.08
CA SER B 69 -10.63 -14.62 11.81
C SER B 69 -10.92 -13.15 12.12
N TRP B 70 -10.24 -12.25 11.44
CA TRP B 70 -10.61 -10.82 11.38
C TRP B 70 -11.93 -10.67 10.61
N HIS B 71 -12.93 -10.04 11.20
CA HIS B 71 -14.19 -9.61 10.54
C HIS B 71 -14.38 -8.10 10.77
N PRO B 72 -14.95 -7.35 9.81
CA PRO B 72 -15.15 -5.91 10.00
C PRO B 72 -16.25 -5.56 11.02
N ARG C 2 -12.99 14.21 2.97
CA ARG C 2 -13.18 12.75 3.15
C ARG C 2 -12.35 12.01 2.09
N ARG C 3 -12.02 10.74 2.36
CA ARG C 3 -11.23 9.81 1.52
C ARG C 3 -10.63 8.72 2.41
N ARG D 2 9.45 -13.28 5.60
CA ARG D 2 10.54 -13.03 6.56
C ARG D 2 10.03 -13.13 7.99
N ARG D 3 10.93 -13.42 8.92
CA ARG D 3 10.57 -13.54 10.36
C ARG D 3 9.61 -12.43 10.76
N LEU D 4 8.40 -12.79 11.20
CA LEU D 4 7.41 -11.79 11.67
C LEU D 4 7.85 -10.37 11.31
#